data_5LSL
#
_entry.id   5LSL
#
_cell.length_a   44.888
_cell.length_b   47.776
_cell.length_c   88.019
_cell.angle_alpha   89.890
_cell.angle_beta   83.610
_cell.angle_gamma   85.570
#
_symmetry.space_group_name_H-M   'P 1'
#
loop_
_entity.id
_entity.type
_entity.pdbx_description
1 polymer 'Protein HSH49'
2 polymer 'Cold sensitive U2 snRNA suppressor 1'
3 water water
#
loop_
_entity_poly.entity_id
_entity_poly.type
_entity_poly.pdbx_seq_one_letter_code
_entity_poly.pdbx_strand_id
1 'polypeptide(L)'
;GGSNYSADSGNTVYVGNIDPRITKEQLYELFIQINPVLRIKYPKDKVLQAYQGYAFIEFYNQGDAQYAIKIMNNTVRLYD
RLIKVRQVTNSTGTTNLPSNIS
;
A,B,C,D
2 'polypeptide(L)'
;MAVGSRPGRISQELRAIMNLPEGQLPPWCMKMKDIGLPTGYPDLKIAGLNWDITNLKGDVYGKIIPNHHSRSKKQGRNYF
GALI
;
E,F,H,G
#
# COMPACT_ATOMS: atom_id res chain seq x y z
N GLY A 10 -1.59 8.85 9.29
CA GLY A 10 -2.74 8.67 10.20
C GLY A 10 -3.48 7.36 10.01
N ASN A 11 -3.32 6.69 8.86
CA ASN A 11 -4.06 5.46 8.61
C ASN A 11 -3.35 4.19 9.06
N THR A 12 -2.11 4.34 9.52
CA THR A 12 -1.24 3.21 9.83
C THR A 12 -1.01 3.14 11.36
N VAL A 13 -1.02 1.93 11.86
CA VAL A 13 -0.71 1.69 13.25
C VAL A 13 0.52 0.84 13.37
N TYR A 14 1.17 0.96 14.54
CA TYR A 14 2.34 0.17 14.87
C TYR A 14 1.84 -0.97 15.77
N VAL A 15 2.28 -2.18 15.48
CA VAL A 15 1.98 -3.36 16.26
C VAL A 15 3.28 -3.89 16.83
N GLY A 16 3.34 -4.12 18.14
CA GLY A 16 4.57 -4.60 18.79
C GLY A 16 4.37 -5.80 19.71
N ASN A 17 5.48 -6.39 20.13
CA ASN A 17 5.59 -7.57 20.93
C ASN A 17 5.12 -8.82 20.19
N ILE A 18 5.48 -8.88 18.91
CA ILE A 18 5.07 -9.96 18.03
C ILE A 18 6.13 -11.06 18.01
N ASP A 19 5.76 -12.24 18.47
CA ASP A 19 6.63 -13.42 18.42
C ASP A 19 7.06 -13.62 16.95
N PRO A 20 8.34 -13.85 16.71
CA PRO A 20 8.78 -14.04 15.30
C PRO A 20 8.18 -15.22 14.56
N ARG A 21 7.49 -16.11 15.24
CA ARG A 21 6.77 -17.19 14.54
C ARG A 21 5.53 -16.72 13.81
N ILE A 22 5.02 -15.56 14.21
CA ILE A 22 3.80 -15.04 13.61
C ILE A 22 4.00 -14.70 12.15
N THR A 23 3.03 -15.07 11.31
CA THR A 23 3.09 -14.78 9.87
C THR A 23 2.27 -13.56 9.50
N LYS A 24 2.57 -12.96 8.36
CA LYS A 24 1.80 -11.84 7.88
C LYS A 24 0.34 -12.19 7.71
N GLU A 25 0.05 -13.42 7.24
CA GLU A 25 -1.32 -13.88 7.02
C GLU A 25 -2.06 -13.96 8.36
N GLN A 26 -1.36 -14.34 9.43
CA GLN A 26 -1.97 -14.35 10.79
C GLN A 26 -2.30 -12.97 11.31
N LEU A 27 -1.37 -12.02 11.13
CA LEU A 27 -1.63 -10.64 11.45
C LEU A 27 -2.84 -10.10 10.66
N TYR A 28 -2.95 -10.47 9.39
CA TYR A 28 -4.07 -10.02 8.59
C TYR A 28 -5.39 -10.59 9.11
N GLU A 29 -5.44 -11.90 9.37
CA GLU A 29 -6.64 -12.51 9.91
C GLU A 29 -7.07 -11.86 11.23
N LEU A 30 -6.10 -11.56 12.07
CA LEU A 30 -6.40 -10.93 13.35
C LEU A 30 -6.98 -9.56 13.16
N PHE A 31 -6.33 -8.72 12.36
CA PHE A 31 -6.69 -7.30 12.34
C PHE A 31 -7.92 -7.04 11.49
N ILE A 32 -8.20 -7.91 10.50
CA ILE A 32 -9.48 -7.76 9.74
C ILE A 32 -10.70 -8.09 10.62
N GLN A 33 -10.52 -8.69 11.78
CA GLN A 33 -11.63 -8.78 12.74
C GLN A 33 -12.06 -7.40 13.28
N ILE A 34 -11.17 -6.41 13.19
CA ILE A 34 -11.33 -5.11 13.87
C ILE A 34 -11.69 -4.00 12.87
N ASN A 35 -11.16 -4.08 11.64
CA ASN A 35 -11.55 -3.15 10.56
C ASN A 35 -10.92 -3.66 9.28
N PRO A 36 -11.41 -3.21 8.13
CA PRO A 36 -10.77 -3.61 6.89
C PRO A 36 -9.30 -3.16 6.85
N VAL A 37 -8.44 -4.04 6.35
CA VAL A 37 -6.96 -3.76 6.29
C VAL A 37 -6.57 -3.64 4.83
N LEU A 38 -5.86 -2.56 4.53
CA LEU A 38 -5.32 -2.31 3.17
C LEU A 38 -4.07 -3.08 2.91
N ARG A 39 -3.12 -2.96 3.82
CA ARG A 39 -1.83 -3.64 3.66
C ARG A 39 -1.13 -3.75 4.99
N ILE A 40 -0.18 -4.68 5.03
CA ILE A 40 0.68 -4.89 6.20
C ILE A 40 2.12 -4.83 5.79
N LYS A 41 2.93 -4.06 6.51
CA LYS A 41 4.40 -4.03 6.27
C LYS A 41 4.99 -4.76 7.49
N TYR A 42 5.72 -5.84 7.28
CA TYR A 42 6.16 -6.70 8.39
C TYR A 42 7.68 -6.93 8.23
N PRO A 43 8.50 -6.00 8.78
CA PRO A 43 9.95 -5.96 8.48
C PRO A 43 10.63 -7.28 8.80
N LYS A 44 11.56 -7.67 7.91
CA LYS A 44 12.27 -8.94 8.06
C LYS A 44 13.74 -8.68 7.84
N ASP A 45 14.55 -9.33 8.66
CA ASP A 45 15.99 -9.43 8.41
C ASP A 45 16.12 -10.44 7.25
N LYS A 46 16.56 -9.96 6.09
CA LYS A 46 16.57 -10.82 4.91
C LYS A 46 17.72 -11.80 4.91
N VAL A 47 18.77 -11.52 5.69
CA VAL A 47 19.89 -12.42 5.78
C VAL A 47 19.48 -13.67 6.59
N LEU A 48 18.80 -13.45 7.72
CA LEU A 48 18.32 -14.55 8.56
C LEU A 48 16.89 -15.00 8.30
N GLN A 49 16.17 -14.29 7.43
CA GLN A 49 14.73 -14.57 7.16
C GLN A 49 13.96 -14.63 8.46
N ALA A 50 14.13 -13.61 9.28
CA ALA A 50 13.50 -13.56 10.61
C ALA A 50 12.71 -12.29 10.74
N TYR A 51 11.47 -12.42 11.16
CA TYR A 51 10.72 -11.20 11.58
C TYR A 51 11.31 -10.59 12.84
N GLN A 52 10.97 -9.33 13.10
CA GLN A 52 11.68 -8.47 14.04
C GLN A 52 10.88 -7.97 15.22
N GLY A 53 9.69 -8.55 15.39
CA GLY A 53 8.82 -8.23 16.54
C GLY A 53 7.82 -7.15 16.37
N TYR A 54 7.67 -6.61 15.17
CA TYR A 54 6.78 -5.47 14.98
C TYR A 54 6.28 -5.39 13.57
N ALA A 55 5.20 -4.63 13.38
CA ALA A 55 4.59 -4.52 12.05
C ALA A 55 3.85 -3.21 11.98
N PHE A 56 3.56 -2.79 10.74
CA PHE A 56 2.76 -1.64 10.45
C PHE A 56 1.51 -2.13 9.73
N ILE A 57 0.36 -1.81 10.26
CA ILE A 57 -0.92 -2.19 9.67
C ILE A 57 -1.58 -0.94 9.16
N GLU A 58 -1.79 -0.89 7.83
CA GLU A 58 -2.43 0.23 7.18
C GLU A 58 -3.90 -0.07 6.99
N PHE A 59 -4.73 0.73 7.68
CA PHE A 59 -6.18 0.76 7.48
C PHE A 59 -6.53 1.75 6.39
N TYR A 60 -7.83 1.83 6.03
CA TYR A 60 -8.23 2.64 4.88
C TYR A 60 -8.40 4.12 5.21
N ASN A 61 -8.50 4.44 6.49
CA ASN A 61 -8.67 5.83 6.90
C ASN A 61 -8.27 5.96 8.38
N GLN A 62 -8.21 7.20 8.84
CA GLN A 62 -7.69 7.51 10.14
C GLN A 62 -8.66 7.05 11.24
N GLY A 63 -9.96 7.23 11.03
CA GLY A 63 -10.94 6.75 11.96
C GLY A 63 -10.84 5.27 12.25
N ASP A 64 -10.59 4.48 11.20
CA ASP A 64 -10.55 3.06 11.35
C ASP A 64 -9.25 2.63 12.09
N ALA A 65 -8.17 3.34 11.82
CA ALA A 65 -6.92 3.11 12.54
C ALA A 65 -7.04 3.47 14.03
N GLN A 66 -7.59 4.63 14.30
CA GLN A 66 -7.81 5.06 15.71
C GLN A 66 -8.68 4.05 16.47
N TYR A 67 -9.73 3.58 15.84
CA TYR A 67 -10.59 2.57 16.44
C TYR A 67 -9.77 1.30 16.77
N ALA A 68 -8.97 0.83 15.80
CA ALA A 68 -8.15 -0.34 16.04
C ALA A 68 -7.20 -0.18 17.23
N ILE A 69 -6.59 1.00 17.37
CA ILE A 69 -5.64 1.24 18.49
C ILE A 69 -6.44 1.14 19.80
N LYS A 70 -7.60 1.77 19.87
CA LYS A 70 -8.36 1.76 21.09
C LYS A 70 -8.84 0.34 21.48
N ILE A 71 -9.21 -0.45 20.48
CA ILE A 71 -9.72 -1.77 20.74
C ILE A 71 -8.63 -2.77 21.04
N MET A 72 -7.46 -2.64 20.38
CA MET A 72 -6.50 -3.76 20.34
C MET A 72 -5.28 -3.59 21.21
N ASN A 73 -4.94 -2.36 21.61
CA ASN A 73 -3.75 -2.23 22.44
C ASN A 73 -3.90 -2.97 23.76
N ASN A 74 -2.94 -3.85 24.12
CA ASN A 74 -3.02 -4.63 25.37
C ASN A 74 -4.21 -5.58 25.50
N THR A 75 -4.78 -5.99 24.36
CA THR A 75 -6.03 -6.75 24.38
C THR A 75 -5.83 -8.23 24.08
N VAL A 76 -4.92 -8.59 23.18
CA VAL A 76 -4.77 -9.99 22.70
C VAL A 76 -3.34 -10.48 23.00
N ARG A 77 -3.22 -11.76 23.36
CA ARG A 77 -1.91 -12.40 23.48
C ARG A 77 -1.74 -13.34 22.32
N LEU A 78 -0.62 -13.24 21.61
CA LEU A 78 -0.22 -14.20 20.59
C LEU A 78 1.01 -14.92 21.09
N TYR A 79 0.95 -16.26 21.13
CA TYR A 79 1.98 -17.05 21.77
C TYR A 79 2.29 -16.50 23.18
N ASP A 80 1.25 -16.18 23.92
CA ASP A 80 1.32 -15.69 25.30
C ASP A 80 1.94 -14.28 25.48
N ARG A 81 2.25 -13.59 24.40
CA ARG A 81 2.84 -12.25 24.47
C ARG A 81 1.75 -11.23 24.13
N LEU A 82 1.58 -10.25 25.02
CA LEU A 82 0.53 -9.25 24.89
C LEU A 82 0.90 -8.25 23.81
N ILE A 83 0.05 -8.15 22.82
CA ILE A 83 0.26 -7.29 21.65
C ILE A 83 0.00 -5.83 21.95
N LYS A 84 0.93 -4.98 21.57
CA LYS A 84 0.79 -3.54 21.68
C LYS A 84 0.41 -2.91 20.34
N VAL A 85 -0.50 -1.95 20.37
CA VAL A 85 -0.97 -1.25 19.16
C VAL A 85 -0.96 0.25 19.43
N ARG A 86 -0.21 1.01 18.63
CA ARG A 86 0.05 2.44 18.90
C ARG A 86 0.01 3.26 17.62
N GLN A 87 -0.28 4.55 17.75
CA GLN A 87 -0.34 5.44 16.60
C GLN A 87 1.06 5.78 16.08
N VAL A 88 1.21 5.82 14.77
CA VAL A 88 2.49 6.13 14.15
C VAL A 88 2.31 6.81 12.79
N SER B 5 -9.83 -15.73 4.94
CA SER B 5 -10.02 -14.93 6.19
C SER B 5 -11.19 -13.97 6.08
N ARG B 6 -11.97 -13.83 7.15
CA ARG B 6 -13.10 -12.89 7.15
C ARG B 6 -13.46 -12.48 8.58
N PRO B 7 -14.04 -11.27 8.73
CA PRO B 7 -14.46 -10.83 10.06
C PRO B 7 -15.58 -11.74 10.60
N GLY B 8 -15.47 -12.12 11.85
CA GLY B 8 -16.51 -12.92 12.50
C GLY B 8 -16.19 -14.40 12.60
N ARG B 9 -15.10 -14.84 11.96
CA ARG B 9 -14.62 -16.21 12.02
C ARG B 9 -13.13 -16.12 12.34
N ILE B 10 -12.64 -17.06 13.15
CA ILE B 10 -11.21 -17.19 13.38
C ILE B 10 -10.79 -18.64 13.17
N SER B 11 -9.77 -18.82 12.33
CA SER B 11 -9.24 -20.13 11.95
C SER B 11 -8.71 -20.88 13.15
N GLN B 12 -8.69 -22.21 13.05
CA GLN B 12 -8.08 -23.04 14.06
C GLN B 12 -6.62 -22.65 14.38
N GLU B 13 -5.87 -22.33 13.33
CA GLU B 13 -4.46 -21.96 13.49
C GLU B 13 -4.29 -20.71 14.35
N LEU B 14 -5.08 -19.69 14.05
CA LEU B 14 -4.99 -18.45 14.81
C LEU B 14 -5.56 -18.64 16.21
N ARG B 15 -6.59 -19.46 16.34
CA ARG B 15 -7.14 -19.77 17.65
C ARG B 15 -6.13 -20.37 18.59
N ALA B 16 -5.28 -21.26 18.07
CA ALA B 16 -4.25 -21.88 18.91
C ALA B 16 -3.25 -20.85 19.35
N ILE B 17 -2.89 -19.94 18.45
CA ILE B 17 -1.93 -18.92 18.72
C ILE B 17 -2.46 -17.90 19.74
N MET B 18 -3.74 -17.58 19.64
CA MET B 18 -4.45 -16.65 20.53
C MET B 18 -4.87 -17.27 21.87
N ASN B 19 -4.87 -18.60 21.92
CA ASN B 19 -5.49 -19.36 23.02
C ASN B 19 -6.98 -18.99 23.14
N LEU B 20 -7.70 -19.11 22.03
CA LEU B 20 -9.14 -18.79 21.99
C LEU B 20 -9.92 -20.00 21.53
N PRO B 21 -10.40 -20.81 22.47
CA PRO B 21 -11.20 -21.97 22.08
C PRO B 21 -12.48 -21.59 21.34
N GLU B 22 -12.95 -22.54 20.51
CA GLU B 22 -14.21 -22.43 19.90
C GLU B 22 -15.24 -22.20 20.97
N GLY B 23 -16.21 -21.36 20.65
CA GLY B 23 -17.29 -21.08 21.57
C GLY B 23 -17.10 -19.95 22.57
N GLN B 24 -15.98 -19.25 22.48
CA GLN B 24 -15.65 -18.19 23.45
C GLN B 24 -15.50 -16.89 22.70
N LEU B 25 -16.02 -15.80 23.26
CA LEU B 25 -15.90 -14.53 22.56
C LEU B 25 -14.42 -14.09 22.61
N PRO B 26 -13.99 -13.42 21.54
CA PRO B 26 -12.63 -12.98 21.50
C PRO B 26 -12.38 -11.86 22.52
N PRO B 27 -11.13 -11.64 22.89
CA PRO B 27 -10.82 -10.81 24.05
C PRO B 27 -11.09 -9.33 23.86
N TRP B 28 -11.33 -8.89 22.66
CA TRP B 28 -11.73 -7.49 22.37
C TRP B 28 -13.24 -7.23 22.58
N CYS B 29 -13.99 -8.28 22.96
CA CYS B 29 -15.42 -8.17 23.22
C CYS B 29 -15.77 -7.03 24.17
N MET B 30 -15.12 -6.97 25.33
CA MET B 30 -15.45 -5.95 26.33
C MET B 30 -15.20 -4.55 25.79
N LYS B 31 -14.11 -4.36 25.09
CA LYS B 31 -13.80 -3.06 24.55
C LYS B 31 -14.81 -2.67 23.43
N MET B 32 -15.29 -3.63 22.63
CA MET B 32 -16.32 -3.31 21.62
C MET B 32 -17.63 -2.93 22.29
N LYS B 33 -17.97 -3.55 23.40
CA LYS B 33 -19.18 -3.13 24.12
C LYS B 33 -19.05 -1.68 24.60
N ASP B 34 -17.83 -1.28 24.95
CA ASP B 34 -17.58 0.09 25.44
C ASP B 34 -17.50 1.15 24.36
N ILE B 35 -16.79 0.81 23.28
CA ILE B 35 -16.42 1.78 22.29
C ILE B 35 -17.32 1.73 21.06
N GLY B 36 -17.95 0.59 20.81
CA GLY B 36 -18.78 0.39 19.66
C GLY B 36 -18.20 -0.64 18.71
N LEU B 37 -19.04 -1.00 17.76
CA LEU B 37 -18.71 -1.97 16.73
C LEU B 37 -17.76 -1.36 15.72
N PRO B 38 -17.12 -2.20 14.91
CA PRO B 38 -16.13 -1.64 13.95
C PRO B 38 -16.69 -0.52 13.07
N THR B 39 -15.93 0.57 13.07
CA THR B 39 -16.26 1.74 12.27
C THR B 39 -16.32 1.40 10.76
N GLY B 40 -15.53 0.39 10.35
CA GLY B 40 -15.48 -0.05 9.00
C GLY B 40 -16.35 -1.22 8.61
N TYR B 41 -17.15 -1.76 9.55
CA TYR B 41 -18.07 -2.84 9.24
C TYR B 41 -19.43 -2.52 9.84
N PRO B 42 -20.14 -1.57 9.21
CA PRO B 42 -21.45 -1.18 9.71
C PRO B 42 -22.45 -2.32 9.89
N ASP B 43 -22.36 -3.35 9.06
CA ASP B 43 -23.32 -4.47 9.15
C ASP B 43 -22.79 -5.70 9.90
N LEU B 44 -21.65 -5.59 10.58
CA LEU B 44 -21.14 -6.70 11.41
C LEU B 44 -22.03 -6.89 12.61
N LYS B 45 -22.47 -8.14 12.80
CA LYS B 45 -23.22 -8.59 13.97
C LYS B 45 -22.27 -9.48 14.77
N ILE B 46 -22.16 -9.20 16.08
CA ILE B 46 -21.29 -10.00 16.99
C ILE B 46 -22.18 -10.63 18.05
N ALA B 47 -22.06 -11.96 18.19
CA ALA B 47 -22.79 -12.69 19.20
C ALA B 47 -22.58 -12.13 20.60
N GLY B 48 -23.67 -11.84 21.28
CA GLY B 48 -23.64 -11.25 22.61
C GLY B 48 -23.64 -9.74 22.64
N LEU B 49 -23.49 -9.09 21.48
CA LEU B 49 -23.55 -7.64 21.39
C LEU B 49 -24.86 -7.38 20.67
N ASN B 50 -24.83 -7.42 19.33
CA ASN B 50 -26.00 -7.08 18.51
C ASN B 50 -26.52 -8.27 17.66
N TRP B 51 -26.13 -9.47 18.07
CA TRP B 51 -26.53 -10.74 17.50
C TRP B 51 -26.74 -11.68 18.68
N ASP B 52 -27.71 -12.57 18.59
CA ASP B 52 -28.00 -13.45 19.75
C ASP B 52 -26.73 -14.22 20.12
N ILE B 53 -26.47 -14.32 21.45
CA ILE B 53 -25.28 -15.04 21.95
C ILE B 53 -25.25 -16.51 21.51
N THR B 54 -26.39 -17.10 21.21
CA THR B 54 -26.46 -18.49 20.69
C THR B 54 -25.80 -18.67 19.33
N ASN B 55 -25.48 -17.57 18.65
CA ASN B 55 -24.71 -17.64 17.41
C ASN B 55 -23.20 -17.80 17.63
N LEU B 56 -22.76 -17.75 18.88
CA LEU B 56 -21.35 -18.00 19.25
C LEU B 56 -21.14 -19.49 19.23
N LYS B 57 -20.78 -20.02 18.07
CA LYS B 57 -20.81 -21.45 17.85
C LYS B 57 -19.63 -21.85 16.95
N GLY B 58 -18.85 -22.81 17.43
CA GLY B 58 -17.74 -23.31 16.65
C GLY B 58 -16.71 -22.21 16.43
N ASP B 59 -16.25 -22.07 15.20
CA ASP B 59 -15.27 -21.02 14.89
C ASP B 59 -15.86 -19.65 14.61
N VAL B 60 -17.18 -19.51 14.73
CA VAL B 60 -17.88 -18.27 14.38
C VAL B 60 -18.24 -17.52 15.62
N TYR B 61 -17.97 -16.21 15.61
CA TYR B 61 -18.52 -15.33 16.66
C TYR B 61 -19.28 -14.12 16.09
N GLY B 62 -19.20 -13.88 14.78
CA GLY B 62 -19.89 -12.77 14.17
C GLY B 62 -20.13 -13.05 12.70
N LYS B 63 -20.90 -12.15 12.08
CA LYS B 63 -21.26 -12.28 10.69
C LYS B 63 -21.71 -10.92 10.13
N ILE B 64 -21.33 -10.65 8.87
CA ILE B 64 -21.84 -9.46 8.17
C ILE B 64 -23.23 -9.79 7.68
N ILE B 65 -24.23 -9.04 8.15
CA ILE B 65 -25.64 -9.30 7.82
C ILE B 65 -26.28 -7.96 7.43
N PRO B 66 -26.35 -7.67 6.12
CA PRO B 66 -27.02 -6.46 5.64
C PRO B 66 -28.54 -6.41 5.84
N GLY C 10 -6.59 -2.75 -37.98
CA GLY C 10 -5.11 -2.94 -38.09
C GLY C 10 -4.37 -1.61 -38.14
N ASN C 11 -4.97 -0.59 -38.74
CA ASN C 11 -4.32 0.71 -38.86
C ASN C 11 -4.61 1.66 -37.69
N THR C 12 -5.47 1.23 -36.77
CA THR C 12 -5.94 2.08 -35.69
C THR C 12 -5.41 1.57 -34.34
N VAL C 13 -5.02 2.51 -33.51
CA VAL C 13 -4.58 2.17 -32.17
C VAL C 13 -5.51 2.80 -31.16
N TYR C 14 -5.52 2.19 -29.98
CA TYR C 14 -6.26 2.70 -28.83
C TYR C 14 -5.27 3.47 -27.96
N VAL C 15 -5.67 4.65 -27.53
CA VAL C 15 -4.89 5.48 -26.63
C VAL C 15 -5.67 5.64 -25.34
N GLY C 16 -5.05 5.36 -24.20
CA GLY C 16 -5.73 5.42 -22.90
C GLY C 16 -4.98 6.21 -21.84
N ASN C 17 -5.71 6.47 -20.73
CA ASN C 17 -5.27 7.26 -19.62
C ASN C 17 -5.08 8.74 -19.98
N ILE C 18 -6.00 9.23 -20.77
CA ILE C 18 -5.94 10.59 -21.29
C ILE C 18 -6.76 11.52 -20.37
N ASP C 19 -6.07 12.47 -19.76
CA ASP C 19 -6.72 13.49 -18.93
C ASP C 19 -7.80 14.18 -19.80
N PRO C 20 -8.99 14.37 -19.24
CA PRO C 20 -10.06 15.01 -20.06
C PRO C 20 -9.77 16.43 -20.52
N ARG C 21 -8.74 17.08 -19.97
CA ARG C 21 -8.36 18.40 -20.48
C ARG C 21 -7.67 18.38 -21.83
N ILE C 22 -7.17 17.20 -22.22
CA ILE C 22 -6.47 17.08 -23.49
C ILE C 22 -7.40 17.30 -24.65
N THR C 23 -6.96 18.04 -25.65
CA THR C 23 -7.72 18.33 -26.85
C THR C 23 -7.37 17.40 -28.01
N LYS C 24 -8.27 17.28 -28.98
CA LYS C 24 -7.97 16.47 -30.15
C LYS C 24 -6.75 16.98 -30.89
N GLU C 25 -6.61 18.31 -30.94
CA GLU C 25 -5.47 18.96 -31.64
C GLU C 25 -4.15 18.60 -30.92
N GLN C 26 -4.19 18.47 -29.59
CA GLN C 26 -2.99 18.03 -28.83
C GLN C 26 -2.61 16.59 -29.10
N LEU C 27 -3.60 15.70 -29.12
CA LEU C 27 -3.38 14.32 -29.52
C LEU C 27 -2.78 14.23 -30.93
N TYR C 28 -3.27 15.06 -31.85
CA TYR C 28 -2.76 15.06 -33.21
C TYR C 28 -1.29 15.52 -33.23
N GLU C 29 -0.99 16.62 -32.57
CA GLU C 29 0.39 17.11 -32.51
C GLU C 29 1.34 16.06 -31.92
N LEU C 30 0.88 15.37 -30.88
CA LEU C 30 1.71 14.36 -30.25
C LEU C 30 1.98 13.20 -31.20
N PHE C 31 0.93 12.68 -31.82
CA PHE C 31 1.09 11.42 -32.54
C PHE C 31 1.70 11.60 -33.90
N ILE C 32 1.55 12.80 -34.50
CA ILE C 32 2.26 13.06 -35.77
C ILE C 32 3.79 13.16 -35.59
N GLN C 33 4.27 13.29 -34.35
CA GLN C 33 5.70 13.13 -34.11
C GLN C 33 6.19 11.71 -34.42
N ILE C 34 5.30 10.72 -34.39
CA ILE C 34 5.64 9.29 -34.43
C ILE C 34 5.33 8.66 -35.80
N ASN C 35 4.29 9.13 -36.48
CA ASN C 35 4.01 8.73 -37.87
C ASN C 35 2.86 9.60 -38.37
N PRO C 36 2.67 9.64 -39.68
CA PRO C 36 1.54 10.40 -40.20
C PRO C 36 0.20 9.85 -39.67
N VAL C 37 -0.69 10.76 -39.30
CA VAL C 37 -2.03 10.38 -38.72
C VAL C 37 -3.10 10.77 -39.72
N LEU C 38 -3.98 9.83 -40.02
CA LEU C 38 -5.12 10.07 -40.93
C LEU C 38 -6.26 10.74 -40.23
N ARG C 39 -6.66 10.20 -39.10
CA ARG C 39 -7.78 10.75 -38.33
C ARG C 39 -7.73 10.27 -36.90
N ILE C 40 -8.46 11.03 -36.07
CA ILE C 40 -8.57 10.72 -34.63
C ILE C 40 -10.03 10.69 -34.25
N LYS C 41 -10.46 9.64 -33.56
CA LYS C 41 -11.84 9.59 -33.00
C LYS C 41 -11.65 9.75 -31.49
N TYR C 42 -12.26 10.78 -30.89
CA TYR C 42 -12.01 11.12 -29.49
C TYR C 42 -13.37 11.25 -28.78
N PRO C 43 -13.90 10.11 -28.27
CA PRO C 43 -15.30 10.06 -27.81
C PRO C 43 -15.61 11.09 -26.74
N LYS C 44 -16.79 11.71 -26.84
CA LYS C 44 -17.20 12.75 -25.87
C LYS C 44 -18.60 12.45 -25.40
N ASP C 45 -18.82 12.68 -24.12
CA ASP C 45 -20.17 12.79 -23.54
C ASP C 45 -20.74 14.11 -24.01
N LYS C 46 -21.72 14.09 -24.90
CA LYS C 46 -22.22 15.32 -25.52
C LYS C 46 -23.11 16.12 -24.60
N VAL C 47 -23.67 15.48 -23.57
CA VAL C 47 -24.48 16.19 -22.60
C VAL C 47 -23.59 17.04 -21.71
N LEU C 48 -22.48 16.46 -21.23
CA LEU C 48 -21.53 17.22 -20.39
C LEU C 48 -20.35 17.85 -21.14
N GLN C 49 -20.24 17.58 -22.44
CA GLN C 49 -19.09 18.05 -23.28
C GLN C 49 -17.78 17.69 -22.62
N ALA C 50 -17.65 16.42 -22.25
CA ALA C 50 -16.45 15.94 -21.54
C ALA C 50 -15.87 14.78 -22.30
N TYR C 51 -14.57 14.84 -22.55
CA TYR C 51 -13.88 13.64 -23.05
C TYR C 51 -13.83 12.55 -21.99
N GLN C 52 -13.55 11.34 -22.43
CA GLN C 52 -13.80 10.11 -21.65
C GLN C 52 -12.56 9.27 -21.30
N GLY C 53 -11.40 9.86 -21.58
CA GLY C 53 -10.11 9.25 -21.22
C GLY C 53 -9.46 8.37 -22.25
N TYR C 54 -9.99 8.34 -23.47
CA TYR C 54 -9.44 7.44 -24.46
C TYR C 54 -9.72 7.94 -25.86
N ALA C 55 -8.95 7.42 -26.83
CA ALA C 55 -9.08 7.88 -28.21
C ALA C 55 -8.62 6.75 -29.11
N PHE C 56 -9.04 6.87 -30.38
CA PHE C 56 -8.63 5.96 -31.43
C PHE C 56 -7.86 6.79 -32.45
N ILE C 57 -6.63 6.41 -32.72
CA ILE C 57 -5.78 7.12 -33.67
C ILE C 57 -5.57 6.21 -34.87
N GLU C 58 -6.05 6.66 -36.03
CA GLU C 58 -5.93 5.91 -37.27
C GLU C 58 -4.71 6.41 -38.04
N PHE C 59 -3.75 5.50 -38.19
CA PHE C 59 -2.58 5.69 -39.06
C PHE C 59 -2.93 5.22 -40.48
N TYR C 60 -1.97 5.38 -41.41
CA TYR C 60 -2.26 5.10 -42.80
C TYR C 60 -2.10 3.63 -43.17
N ASN C 61 -1.41 2.87 -42.33
CA ASN C 61 -1.22 1.45 -42.60
C ASN C 61 -0.84 0.74 -41.29
N GLN C 62 -0.79 -0.59 -41.35
CA GLN C 62 -0.63 -1.39 -40.16
C GLN C 62 0.77 -1.27 -39.60
N GLY C 63 1.78 -1.25 -40.48
CA GLY C 63 3.15 -1.04 -40.04
C GLY C 63 3.34 0.21 -39.23
N ASP C 64 2.69 1.30 -39.65
CA ASP C 64 2.88 2.57 -38.99
C ASP C 64 2.16 2.56 -37.62
N ALA C 65 1.02 1.91 -37.55
CA ALA C 65 0.30 1.75 -36.29
C ALA C 65 1.10 0.90 -35.30
N GLN C 66 1.61 -0.23 -35.79
CA GLN C 66 2.43 -1.12 -34.92
C GLN C 66 3.67 -0.38 -34.39
N TYR C 67 4.32 0.40 -35.24
CA TYR C 67 5.44 1.21 -34.82
C TYR C 67 5.04 2.18 -33.70
N ALA C 68 3.92 2.88 -33.90
CA ALA C 68 3.42 3.80 -32.87
C ALA C 68 3.19 3.12 -31.52
N ILE C 69 2.62 1.92 -31.54
CA ILE C 69 2.34 1.18 -30.30
C ILE C 69 3.69 0.87 -29.61
N LYS C 70 4.64 0.37 -30.37
CA LYS C 70 5.93 0.02 -29.79
CA LYS C 70 5.94 0.02 -29.80
C LYS C 70 6.67 1.23 -29.21
N ILE C 71 6.59 2.36 -29.88
CA ILE C 71 7.30 3.53 -29.44
C ILE C 71 6.62 4.25 -28.32
N MET C 72 5.27 4.26 -28.32
CA MET C 72 4.54 5.20 -27.45
C MET C 72 3.90 4.59 -26.24
N ASN C 73 3.66 3.29 -26.21
CA ASN C 73 3.02 2.72 -25.00
C ASN C 73 3.89 2.94 -23.77
N ASN C 74 3.33 3.53 -22.70
CA ASN C 74 4.09 3.79 -21.47
C ASN C 74 5.28 4.74 -21.60
N THR C 75 5.25 5.60 -22.62
CA THR C 75 6.43 6.42 -22.94
C THR C 75 6.27 7.89 -22.49
N VAL C 76 5.08 8.45 -22.64
CA VAL C 76 4.84 9.90 -22.41
C VAL C 76 3.79 10.08 -21.31
N ARG C 77 4.00 11.10 -20.46
CA ARG C 77 3.00 11.51 -19.48
C ARG C 77 2.39 12.80 -19.95
N LEU C 78 1.06 12.86 -20.00
CA LEU C 78 0.32 14.10 -20.25
C LEU C 78 -0.43 14.45 -18.98
N TYR C 79 -0.22 15.66 -18.46
CA TYR C 79 -0.71 16.06 -17.17
C TYR C 79 -0.35 14.99 -16.10
N ASP C 80 0.89 14.52 -16.16
CA ASP C 80 1.43 13.52 -15.20
C ASP C 80 0.84 12.10 -15.30
N ARG C 81 -0.03 11.85 -16.26
CA ARG C 81 -0.65 10.52 -16.43
C ARG C 81 0.02 9.83 -17.62
N LEU C 82 0.51 8.62 -17.39
CA LEU C 82 1.24 7.85 -18.37
C LEU C 82 0.29 7.29 -19.42
N ILE C 83 0.54 7.67 -20.66
CA ILE C 83 -0.31 7.30 -21.80
C ILE C 83 -0.08 5.86 -22.22
N LYS C 84 -1.17 5.12 -22.39
CA LYS C 84 -1.15 3.76 -22.88
C LYS C 84 -1.54 3.73 -24.36
N VAL C 85 -0.86 2.90 -25.15
CA VAL C 85 -1.14 2.74 -26.57
C VAL C 85 -1.17 1.26 -26.89
N ARG C 86 -2.30 0.77 -27.43
CA ARG C 86 -2.53 -0.66 -27.62
C ARG C 86 -3.21 -0.92 -28.97
N GLN C 87 -3.08 -2.14 -29.45
CA GLN C 87 -3.79 -2.45 -30.64
C GLN C 87 -5.27 -2.59 -30.36
N VAL C 88 -6.09 -2.35 -31.36
CA VAL C 88 -7.51 -2.45 -31.18
C VAL C 88 -8.00 -3.85 -31.04
N GLY D 4 1.41 25.80 -37.32
CA GLY D 4 0.71 24.52 -37.66
C GLY D 4 1.55 23.33 -37.23
N SER D 5 0.93 22.20 -36.88
CA SER D 5 1.66 21.07 -36.29
C SER D 5 2.52 20.32 -37.31
N ARG D 6 3.72 19.90 -36.90
CA ARG D 6 4.59 19.11 -37.78
C ARG D 6 5.56 18.24 -36.99
N PRO D 7 6.01 17.13 -37.60
CA PRO D 7 6.97 16.27 -36.90
C PRO D 7 8.29 17.01 -36.70
N GLY D 8 8.87 16.89 -35.52
CA GLY D 8 10.12 17.55 -35.21
C GLY D 8 10.02 18.85 -34.44
N ARG D 9 8.80 19.33 -34.24
CA ARG D 9 8.54 20.53 -33.45
C ARG D 9 7.41 20.17 -32.49
N ILE D 10 7.49 20.69 -31.27
CA ILE D 10 6.42 20.60 -30.30
C ILE D 10 6.13 21.98 -29.72
N SER D 11 4.87 22.38 -29.81
CA SER D 11 4.36 23.67 -29.31
C SER D 11 4.61 23.84 -27.83
N GLN D 12 4.71 25.09 -27.41
CA GLN D 12 4.80 25.42 -25.98
C GLN D 12 3.68 24.79 -25.15
N GLU D 13 2.47 24.83 -25.68
CA GLU D 13 1.31 24.31 -24.97
C GLU D 13 1.45 22.82 -24.69
N LEU D 14 1.86 22.05 -25.70
CA LEU D 14 2.00 20.62 -25.53
C LEU D 14 3.23 20.30 -24.68
N ARG D 15 4.28 21.11 -24.81
CA ARG D 15 5.45 20.95 -23.96
C ARG D 15 5.12 21.05 -22.48
N ALA D 16 4.25 21.98 -22.13
CA ALA D 16 3.86 22.15 -20.71
C ALA D 16 3.08 20.94 -20.24
N ILE D 17 2.24 20.42 -21.09
CA ILE D 17 1.41 19.28 -20.77
C ILE D 17 2.25 18.00 -20.61
N MET D 18 3.27 17.88 -21.46
CA MET D 18 4.23 16.75 -21.44
C MET D 18 5.31 16.87 -20.36
N ASN D 19 5.49 18.08 -19.84
CA ASN D 19 6.63 18.47 -19.02
C ASN D 19 7.95 18.24 -19.74
N LEU D 20 8.04 18.79 -20.96
CA LEU D 20 9.23 18.69 -21.81
C LEU D 20 9.78 20.08 -22.12
N PRO D 21 10.74 20.53 -21.32
CA PRO D 21 11.41 21.81 -21.59
C PRO D 21 12.06 21.90 -22.98
N GLY D 23 14.85 22.37 -25.49
CA GLY D 23 16.22 21.98 -25.14
C GLY D 23 16.47 20.51 -24.80
N GLN D 24 15.41 19.72 -24.65
CA GLN D 24 15.50 18.35 -24.17
C GLN D 24 14.85 17.45 -25.21
N LEU D 25 15.43 16.29 -25.47
CA LEU D 25 14.80 15.39 -26.42
C LEU D 25 13.53 14.79 -25.84
N PRO D 26 12.53 14.56 -26.67
CA PRO D 26 11.31 13.97 -26.17
C PRO D 26 11.53 12.54 -25.69
N PRO D 27 10.63 12.06 -24.83
CA PRO D 27 10.90 10.84 -24.09
C PRO D 27 10.88 9.55 -24.91
N TRP D 28 10.38 9.60 -26.14
CA TRP D 28 10.42 8.46 -27.06
C TRP D 28 11.77 8.29 -27.77
N CYS D 29 12.70 9.18 -27.47
CA CYS D 29 14.03 9.17 -28.06
C CYS D 29 14.75 7.85 -27.87
N MET D 30 14.74 7.32 -26.65
CA MET D 30 15.44 6.05 -26.40
C MET D 30 14.87 4.90 -27.21
N LYS D 31 13.54 4.84 -27.29
CA LYS D 31 12.91 3.77 -28.03
C LYS D 31 13.18 3.93 -29.55
N MET D 32 13.27 5.16 -30.06
CA MET D 32 13.61 5.33 -31.50
C MET D 32 15.05 4.90 -31.77
N LYS D 33 15.97 5.12 -30.81
CA LYS D 33 17.33 4.58 -31.01
C LYS D 33 17.31 3.06 -31.09
N ASP D 34 16.40 2.43 -30.35
CA ASP D 34 16.29 0.97 -30.34
C ASP D 34 15.58 0.35 -31.53
N ILE D 35 14.48 0.98 -31.94
CA ILE D 35 13.58 0.40 -32.89
C ILE D 35 13.76 0.99 -34.28
N GLY D 36 14.30 2.19 -34.36
CA GLY D 36 14.44 2.89 -35.62
C GLY D 36 13.59 4.13 -35.70
N LEU D 37 13.85 4.90 -36.74
CA LEU D 37 13.13 6.10 -37.02
C LEU D 37 11.73 5.78 -37.55
N PRO D 38 10.81 6.75 -37.52
CA PRO D 38 9.45 6.47 -37.98
C PRO D 38 9.37 5.80 -39.34
N THR D 39 8.62 4.69 -39.37
CA THR D 39 8.38 3.96 -40.59
C THR D 39 7.71 4.83 -41.70
N GLY D 40 6.97 5.84 -41.27
CA GLY D 40 6.31 6.77 -42.16
C GLY D 40 7.01 8.08 -42.43
N TYR D 41 8.22 8.29 -41.89
CA TYR D 41 8.98 9.50 -42.17
C TYR D 41 10.42 9.10 -42.46
N PRO D 42 10.67 8.53 -43.64
CA PRO D 42 12.02 8.02 -43.91
C PRO D 42 13.11 9.11 -43.86
N ASP D 43 12.74 10.35 -44.11
CA ASP D 43 13.71 11.46 -44.11
C ASP D 43 13.71 12.30 -42.84
N LEU D 44 13.05 11.84 -41.76
CA LEU D 44 13.12 12.53 -40.47
C LEU D 44 14.53 12.44 -39.89
N LYS D 45 15.07 13.62 -39.52
CA LYS D 45 16.32 13.78 -38.82
C LYS D 45 15.99 14.24 -37.40
N ILE D 46 16.58 13.57 -36.39
CA ILE D 46 16.39 13.93 -34.98
C ILE D 46 17.74 14.32 -34.38
N ALA D 47 17.77 15.49 -33.74
CA ALA D 47 18.98 15.99 -33.07
C ALA D 47 19.52 14.96 -32.08
N GLY D 48 20.79 14.62 -32.22
CA GLY D 48 21.43 13.62 -31.35
C GLY D 48 21.32 12.19 -31.83
N LEU D 49 20.53 11.92 -32.88
CA LEU D 49 20.44 10.61 -33.47
C LEU D 49 21.17 10.74 -34.80
N ASN D 50 20.48 11.25 -35.81
CA ASN D 50 21.03 11.36 -37.18
C ASN D 50 21.08 12.81 -37.68
N TRP D 51 21.03 13.76 -36.74
CA TRP D 51 21.11 15.20 -36.98
C TRP D 51 21.97 15.78 -35.88
N ASP D 52 22.75 16.81 -36.18
CA ASP D 52 23.65 17.37 -35.17
C ASP D 52 22.86 17.82 -33.95
N ILE D 53 23.39 17.54 -32.76
CA ILE D 53 22.75 17.91 -31.49
C ILE D 53 22.54 19.43 -31.35
N THR D 54 23.35 20.24 -32.05
CA THR D 54 23.17 21.70 -32.02
C THR D 54 21.87 22.17 -32.65
N ASN D 55 21.18 21.27 -33.36
CA ASN D 55 19.86 21.61 -33.89
C ASN D 55 18.74 21.50 -32.85
N LEU D 56 19.06 21.03 -31.66
CA LEU D 56 18.08 20.90 -30.60
C LEU D 56 17.96 22.23 -29.99
N LYS D 57 17.09 23.07 -30.54
CA LYS D 57 16.90 24.43 -30.08
C LYS D 57 15.45 24.89 -30.07
N GLY D 58 15.07 25.58 -29.01
CA GLY D 58 13.73 26.13 -28.93
C GLY D 58 12.70 25.01 -28.95
N ASP D 59 11.67 25.16 -29.78
CA ASP D 59 10.65 24.13 -29.93
C ASP D 59 11.03 22.98 -30.86
N VAL D 60 12.21 23.03 -31.46
CA VAL D 60 12.61 22.09 -32.53
C VAL D 60 13.54 21.03 -31.98
N TYR D 61 13.23 19.77 -32.27
CA TYR D 61 14.15 18.67 -32.03
C TYR D 61 14.44 17.82 -33.28
N GLY D 62 13.68 18.01 -34.37
CA GLY D 62 13.86 17.25 -35.58
C GLY D 62 13.34 17.99 -36.79
N LYS D 63 13.58 17.42 -37.96
CA LYS D 63 13.18 18.01 -39.21
C LYS D 63 13.18 16.97 -40.32
N ILE D 64 12.21 17.07 -41.24
CA ILE D 64 12.21 16.25 -42.45
C ILE D 64 13.16 16.90 -43.43
N ILE D 65 14.20 16.18 -43.81
CA ILE D 65 15.26 16.70 -44.70
C ILE D 65 15.55 15.68 -45.78
N PRO D 66 14.91 15.84 -46.96
CA PRO D 66 15.22 14.95 -48.10
C PRO D 66 16.64 15.21 -48.69
N GLY E 10 23.73 -19.96 29.10
CA GLY E 10 22.53 -19.17 28.82
C GLY E 10 22.62 -17.73 29.26
N ASN E 11 23.63 -17.34 30.05
CA ASN E 11 23.73 -15.97 30.52
C ASN E 11 24.54 -15.07 29.58
N THR E 12 25.14 -15.65 28.54
CA THR E 12 26.05 -14.92 27.66
C THR E 12 25.41 -14.75 26.27
N VAL E 13 25.59 -13.58 25.70
CA VAL E 13 25.15 -13.33 24.37
C VAL E 13 26.33 -13.02 23.47
N TYR E 14 26.11 -13.24 22.17
CA TYR E 14 27.10 -12.92 21.14
C TYR E 14 26.68 -11.56 20.56
N VAL E 15 27.64 -10.68 20.40
CA VAL E 15 27.47 -9.38 19.77
C VAL E 15 28.31 -9.34 18.52
N GLY E 16 27.69 -8.99 17.39
CA GLY E 16 28.39 -8.99 16.09
C GLY E 16 28.22 -7.69 15.31
N ASN E 17 29.04 -7.57 14.26
CA ASN E 17 29.15 -6.44 13.38
C ASN E 17 29.72 -5.20 14.07
N ILE E 18 30.70 -5.44 14.91
CA ILE E 18 31.30 -4.40 15.74
C ILE E 18 32.54 -3.84 15.01
N ASP E 19 32.50 -2.56 14.69
CA ASP E 19 33.65 -1.85 14.12
C ASP E 19 34.84 -2.04 15.08
N PRO E 20 36.02 -2.38 14.52
CA PRO E 20 37.17 -2.61 15.40
C PRO E 20 37.63 -1.43 16.24
N ARG E 21 37.16 -0.23 15.93
CA ARG E 21 37.49 0.95 16.77
C ARG E 21 36.73 0.99 18.08
N ILE E 22 35.66 0.21 18.19
CA ILE E 22 34.90 0.16 19.41
C ILE E 22 35.73 -0.43 20.55
N THR E 23 35.65 0.20 21.72
CA THR E 23 36.33 -0.25 22.91
C THR E 23 35.47 -1.10 23.81
N LYS E 24 36.11 -1.90 24.66
CA LYS E 24 35.36 -2.69 25.61
C LYS E 24 34.53 -1.82 26.52
N GLU E 25 35.07 -0.66 26.92
CA GLU E 25 34.38 0.28 27.81
C GLU E 25 33.12 0.82 27.11
N GLN E 26 33.18 1.01 25.78
CA GLN E 26 31.99 1.45 25.00
C GLN E 26 30.90 0.38 24.94
N LEU E 27 31.30 -0.86 24.69
CA LEU E 27 30.37 -1.96 24.75
C LEU E 27 29.72 -2.09 26.12
N TYR E 28 30.51 -1.89 27.18
CA TYR E 28 29.94 -1.96 28.53
C TYR E 28 28.91 -0.84 28.76
N GLU E 29 29.27 0.39 28.42
CA GLU E 29 28.35 1.50 28.59
C GLU E 29 27.02 1.28 27.80
N LEU E 30 27.15 0.73 26.61
CA LEU E 30 25.97 0.46 25.81
C LEU E 30 25.09 -0.59 26.44
N PHE E 31 25.67 -1.70 26.85
CA PHE E 31 24.84 -2.84 27.26
C PHE E 31 24.32 -2.70 28.68
N ILE E 32 25.00 -1.93 29.52
CA ILE E 32 24.46 -1.64 30.87
C ILE E 32 23.21 -0.74 30.81
N GLN E 33 22.95 -0.11 29.68
CA GLN E 33 21.64 0.55 29.50
C GLN E 33 20.47 -0.44 29.50
N ILE E 34 20.76 -1.72 29.19
CA ILE E 34 19.73 -2.74 28.92
C ILE E 34 19.60 -3.74 30.07
N ASN E 35 20.68 -4.04 30.76
CA ASN E 35 20.64 -4.88 31.97
C ASN E 35 22.03 -4.85 32.60
N PRO E 36 22.13 -5.21 33.86
CA PRO E 36 23.44 -5.30 34.47
C PRO E 36 24.35 -6.30 33.74
N VAL E 37 25.61 -5.93 33.54
CA VAL E 37 26.60 -6.77 32.80
C VAL E 37 27.66 -7.20 33.81
N LEU E 38 27.93 -8.51 33.83
CA LEU E 38 28.95 -9.10 34.68
C LEU E 38 30.33 -8.96 34.09
N ARG E 39 30.48 -9.33 32.83
CA ARG E 39 31.79 -9.23 32.17
C ARG E 39 31.61 -9.29 30.67
N ILE E 40 32.67 -8.84 29.99
CA ILE E 40 32.72 -8.83 28.52
C ILE E 40 33.98 -9.50 28.07
N LYS E 41 33.87 -10.45 27.12
CA LYS E 41 35.07 -11.05 26.51
C LYS E 41 35.12 -10.47 25.07
N TYR E 42 36.20 -9.78 24.72
CA TYR E 42 36.27 -9.04 23.46
C TYR E 42 37.55 -9.45 22.70
N PRO E 43 37.49 -10.54 21.92
CA PRO E 43 38.71 -11.17 21.36
C PRO E 43 39.57 -10.20 20.55
N LYS E 44 40.89 -10.29 20.70
CA LYS E 44 41.82 -9.40 20.00
C LYS E 44 42.94 -10.20 19.39
N ASP E 45 43.31 -9.81 18.18
CA ASP E 45 44.58 -10.24 17.55
C ASP E 45 45.68 -9.49 18.30
N LYS E 46 46.49 -10.21 19.07
CA LYS E 46 47.48 -9.58 19.94
C LYS E 46 48.70 -9.11 19.16
N VAL E 47 48.93 -9.68 17.98
CA VAL E 47 50.04 -9.23 17.15
C VAL E 47 49.73 -7.88 16.54
N LEU E 48 48.52 -7.71 16.03
CA LEU E 48 48.10 -6.41 15.48
C LEU E 48 47.36 -5.48 16.45
N GLN E 49 47.06 -5.96 17.66
CA GLN E 49 46.25 -5.22 18.65
C GLN E 49 44.97 -4.73 18.00
N ALA E 50 44.25 -5.63 17.36
CA ALA E 50 43.03 -5.31 16.64
C ALA E 50 41.91 -6.17 17.12
N TYR E 51 40.80 -5.56 17.49
CA TYR E 51 39.58 -6.33 17.73
C TYR E 51 39.05 -6.96 16.44
N GLN E 52 38.17 -7.94 16.58
CA GLN E 52 37.83 -8.88 15.51
C GLN E 52 36.35 -8.86 15.07
N GLY E 53 35.63 -7.86 15.53
CA GLY E 53 34.22 -7.63 15.09
C GLY E 53 33.14 -8.25 15.91
N TYR E 54 33.49 -8.83 17.06
CA TYR E 54 32.51 -9.52 17.86
C TYR E 54 32.90 -9.58 19.32
N ALA E 55 31.93 -9.87 20.19
CA ALA E 55 32.17 -9.91 21.61
C ALA E 55 31.16 -10.82 22.24
N PHE E 56 31.50 -11.24 23.47
CA PHE E 56 30.59 -12.03 24.30
C PHE E 56 30.28 -11.19 25.53
N ILE E 57 29.00 -10.95 25.76
CA ILE E 57 28.57 -10.15 26.90
C ILE E 57 27.83 -11.09 27.86
N GLU E 58 28.39 -11.22 29.06
CA GLU E 58 27.84 -12.09 30.09
C GLU E 58 26.99 -11.25 31.04
N PHE E 59 25.69 -11.57 31.03
CA PHE E 59 24.73 -11.03 32.00
C PHE E 59 24.69 -11.90 33.24
N TYR E 60 23.90 -11.50 34.27
CA TYR E 60 23.93 -12.21 35.52
C TYR E 60 23.02 -13.46 35.54
N ASN E 61 22.10 -13.53 34.59
CA ASN E 61 21.19 -14.68 34.52
C ASN E 61 20.59 -14.77 33.11
N GLN E 62 19.88 -15.85 32.86
CA GLN E 62 19.42 -16.16 31.53
C GLN E 62 18.29 -15.20 31.10
N GLY E 63 17.40 -14.89 32.04
CA GLY E 63 16.34 -13.93 31.74
C GLY E 63 16.86 -12.59 31.27
N ASP E 64 17.94 -12.11 31.89
CA ASP E 64 18.46 -10.81 31.56
C ASP E 64 19.17 -10.86 30.19
N ALA E 65 19.83 -11.98 29.89
CA ALA E 65 20.43 -12.15 28.58
C ALA E 65 19.38 -12.22 27.47
N GLN E 66 18.37 -13.02 27.70
CA GLN E 66 17.24 -13.13 26.71
C GLN E 66 16.59 -11.78 26.45
N TYR E 67 16.37 -11.01 27.50
CA TYR E 67 15.82 -9.66 27.36
C TYR E 67 16.75 -8.80 26.48
N ALA E 68 18.04 -8.82 26.76
CA ALA E 68 19.01 -8.06 25.95
C ALA E 68 18.95 -8.45 24.46
N ILE E 69 18.83 -9.73 24.17
CA ILE E 69 18.79 -10.19 22.76
C ILE E 69 17.52 -9.61 22.11
N LYS E 70 16.39 -9.71 22.80
CA LYS E 70 15.15 -9.23 22.22
C LYS E 70 15.15 -7.72 22.00
N ILE E 71 15.75 -6.98 22.91
CA ILE E 71 15.75 -5.55 22.81
C ILE E 71 16.78 -5.04 21.85
N MET E 72 17.95 -5.70 21.78
CA MET E 72 19.10 -5.06 21.11
C MET E 72 19.43 -5.59 19.75
N ASN E 73 18.99 -6.79 19.38
CA ASN E 73 19.35 -7.29 18.03
C ASN E 73 18.81 -6.39 16.96
N ASN E 74 19.65 -5.92 16.02
CA ASN E 74 19.20 -5.03 14.95
C ASN E 74 18.63 -3.68 15.38
N THR E 75 19.01 -3.21 16.57
CA THR E 75 18.38 -2.02 17.16
C THR E 75 19.29 -0.79 17.07
N VAL E 76 20.60 -0.97 17.26
CA VAL E 76 21.56 0.14 17.36
C VAL E 76 22.62 0.04 16.27
N ARG E 77 23.03 1.17 15.72
CA ARG E 77 24.15 1.25 14.80
C ARG E 77 25.30 1.89 15.50
N LEU E 78 26.47 1.25 15.47
CA LEU E 78 27.72 1.85 15.95
C LEU E 78 28.61 2.08 14.76
N TYR E 79 29.10 3.31 14.57
CA TYR E 79 29.81 3.66 13.35
C TYR E 79 29.02 3.22 12.11
N ASP E 80 27.71 3.45 12.14
CA ASP E 80 26.79 3.16 11.01
C ASP E 80 26.56 1.65 10.72
N ARG E 81 27.12 0.77 11.55
CA ARG E 81 26.97 -0.68 11.34
C ARG E 81 25.96 -1.19 12.37
N LEU E 82 24.94 -1.90 11.88
CA LEU E 82 23.86 -2.39 12.71
C LEU E 82 24.34 -3.59 13.53
N ILE E 83 24.25 -3.45 14.83
CA ILE E 83 24.73 -4.45 15.80
C ILE E 83 23.79 -5.63 15.91
N LYS E 84 24.35 -6.82 15.80
CA LYS E 84 23.64 -8.07 15.97
C LYS E 84 23.85 -8.64 17.36
N VAL E 85 22.78 -9.18 17.96
CA VAL E 85 22.86 -9.77 19.29
C VAL E 85 22.11 -11.10 19.26
N ARG E 86 22.81 -12.19 19.59
CA ARG E 86 22.27 -13.54 19.44
C ARG E 86 22.62 -14.43 20.61
N GLN E 87 21.84 -15.47 20.84
CA GLN E 87 22.21 -16.50 21.83
C GLN E 87 23.45 -17.28 21.39
N VAL E 88 24.19 -17.75 22.37
CA VAL E 88 25.40 -18.48 22.06
C VAL E 88 25.05 -19.95 21.85
N SER F 5 -21.30 -11.60 -1.79
CA SER F 5 -20.65 -10.76 -2.84
C SER F 5 -19.16 -10.52 -2.57
N ARG F 6 -18.34 -10.58 -3.61
CA ARG F 6 -16.90 -10.38 -3.47
C ARG F 6 -16.27 -9.90 -4.77
N PRO F 7 -15.13 -9.18 -4.68
CA PRO F 7 -14.47 -8.70 -5.88
C PRO F 7 -13.94 -9.89 -6.69
N GLY F 8 -14.11 -9.85 -8.00
CA GLY F 8 -13.64 -10.91 -8.88
C GLY F 8 -14.67 -11.95 -9.29
N ARG F 9 -15.86 -11.85 -8.70
CA ARG F 9 -16.98 -12.73 -9.04
C ARG F 9 -18.19 -11.82 -9.25
N ILE F 10 -19.03 -12.17 -10.23
CA ILE F 10 -20.30 -11.51 -10.44
C ILE F 10 -21.38 -12.59 -10.58
N SER F 11 -22.42 -12.45 -9.76
CA SER F 11 -23.59 -13.35 -9.72
C SER F 11 -24.29 -13.42 -11.06
N GLN F 12 -24.95 -14.54 -11.30
CA GLN F 12 -25.82 -14.68 -12.46
C GLN F 12 -26.83 -13.55 -12.61
N GLU F 13 -27.44 -13.18 -11.49
CA GLU F 13 -28.47 -12.15 -11.50
C GLU F 13 -27.93 -10.82 -12.00
N LEU F 14 -26.77 -10.42 -11.49
CA LEU F 14 -26.17 -9.16 -11.90
C LEU F 14 -25.64 -9.25 -13.32
N ARG F 15 -25.12 -10.41 -13.69
CA ARG F 15 -24.69 -10.62 -15.07
C ARG F 15 -25.79 -10.41 -16.08
N ALA F 16 -27.00 -10.86 -15.77
CA ALA F 16 -28.13 -10.69 -16.69
C ALA F 16 -28.49 -9.22 -16.81
N ILE F 17 -28.42 -8.51 -15.69
CA ILE F 17 -28.74 -7.11 -15.65
C ILE F 17 -27.71 -6.26 -16.42
N MET F 18 -26.45 -6.66 -16.30
CA MET F 18 -25.29 -6.03 -17.00
C MET F 18 -25.16 -6.44 -18.47
N ASN F 19 -25.81 -7.53 -18.84
CA ASN F 19 -25.59 -8.24 -20.11
C ASN F 19 -24.14 -8.66 -20.27
N LEU F 20 -23.62 -9.36 -19.26
CA LEU F 20 -22.24 -9.83 -19.23
C LEU F 20 -22.21 -11.37 -19.11
N PRO F 21 -22.10 -12.04 -20.25
CA PRO F 21 -21.94 -13.50 -20.22
C PRO F 21 -20.74 -14.00 -19.43
N GLU F 22 -20.82 -15.25 -19.00
CA GLU F 22 -19.75 -15.90 -18.21
C GLU F 22 -18.28 -15.74 -18.65
N GLY F 23 -17.94 -16.11 -19.89
CA GLY F 23 -16.55 -16.06 -20.32
C GLY F 23 -15.96 -14.71 -20.71
N GLN F 24 -16.54 -13.60 -20.27
CA GLN F 24 -16.21 -12.29 -20.85
C GLN F 24 -15.76 -11.37 -19.75
N LEU F 25 -14.73 -10.58 -20.00
CA LEU F 25 -14.29 -9.64 -18.99
C LEU F 25 -15.31 -8.53 -18.82
N PRO F 26 -15.46 -8.03 -17.60
CA PRO F 26 -16.39 -6.93 -17.40
C PRO F 26 -15.94 -5.65 -18.10
N PRO F 27 -16.90 -4.75 -18.35
CA PRO F 27 -16.63 -3.63 -19.27
C PRO F 27 -15.67 -2.58 -18.75
N TRP F 28 -15.34 -2.60 -17.48
CA TRP F 28 -14.32 -1.72 -16.89
C TRP F 28 -12.88 -2.19 -17.11
N CYS F 29 -12.72 -3.36 -17.75
CA CYS F 29 -11.42 -3.93 -18.06
C CYS F 29 -10.48 -2.94 -18.74
N MET F 30 -10.94 -2.30 -19.82
CA MET F 30 -10.07 -1.38 -20.57
C MET F 30 -9.58 -0.24 -19.71
N LYS F 31 -10.49 0.33 -18.92
CA LYS F 31 -10.12 1.45 -18.07
C LYS F 31 -9.13 0.99 -16.96
N MET F 32 -9.27 -0.24 -16.45
CA MET F 32 -8.27 -0.72 -15.45
C MET F 32 -6.90 -0.93 -16.09
N LYS F 33 -6.86 -1.36 -17.34
CA LYS F 33 -5.55 -1.43 -18.04
C LYS F 33 -4.93 -0.05 -18.15
N ASP F 34 -5.75 0.99 -18.32
CA ASP F 34 -5.25 2.37 -18.46
C ASP F 34 -4.85 3.03 -17.16
N ILE F 35 -5.67 2.85 -16.13
CA ILE F 35 -5.54 3.63 -14.93
C ILE F 35 -4.89 2.83 -13.80
N GLY F 36 -4.95 1.51 -13.88
CA GLY F 36 -4.43 0.65 -12.84
C GLY F 36 -5.51 -0.12 -12.13
N LEU F 37 -5.05 -1.06 -11.32
CA LEU F 37 -5.92 -1.91 -10.53
C LEU F 37 -6.52 -1.12 -9.38
N PRO F 38 -7.58 -1.64 -8.76
CA PRO F 38 -8.20 -0.92 -7.62
C PRO F 38 -7.20 -0.47 -6.55
N THR F 39 -7.27 0.80 -6.24
CA THR F 39 -6.48 1.40 -5.19
C THR F 39 -6.70 0.73 -3.80
N GLY F 40 -7.88 0.16 -3.61
CA GLY F 40 -8.23 -0.53 -2.41
C GLY F 40 -8.09 -2.04 -2.42
N TYR F 41 -7.63 -2.64 -3.52
CA TYR F 41 -7.38 -4.07 -3.58
C TYR F 41 -6.01 -4.31 -4.22
N PRO F 42 -4.94 -4.03 -3.45
CA PRO F 42 -3.60 -4.15 -4.04
C PRO F 42 -3.27 -5.56 -4.56
N ASP F 43 -3.90 -6.59 -3.99
CA ASP F 43 -3.65 -7.96 -4.38
C ASP F 43 -4.69 -8.56 -5.33
N LEU F 44 -5.57 -7.74 -5.90
CA LEU F 44 -6.53 -8.23 -6.92
C LEU F 44 -5.81 -8.64 -8.18
N LYS F 45 -6.08 -9.88 -8.62
CA LYS F 45 -5.63 -10.42 -9.88
C LYS F 45 -6.84 -10.53 -10.81
N ILE F 46 -6.72 -10.04 -12.05
CA ILE F 46 -7.81 -10.09 -13.04
C ILE F 46 -7.32 -10.89 -14.26
N ALA F 47 -8.10 -11.89 -14.65
CA ALA F 47 -7.79 -12.73 -15.81
C ALA F 47 -7.55 -11.88 -17.06
N GLY F 48 -6.40 -12.10 -17.69
CA GLY F 48 -6.02 -11.33 -18.88
C GLY F 48 -5.28 -10.02 -18.62
N LEU F 49 -5.15 -9.62 -17.36
CA LEU F 49 -4.37 -8.47 -16.99
C LEU F 49 -3.16 -9.05 -16.29
N ASN F 50 -3.30 -9.37 -15.00
CA ASN F 50 -2.19 -9.87 -14.17
C ASN F 50 -2.46 -11.26 -13.60
N TRP F 51 -3.38 -11.97 -14.23
CA TRP F 51 -3.76 -13.37 -13.88
C TRP F 51 -3.98 -14.09 -15.19
N ASP F 52 -3.63 -15.36 -15.25
CA ASP F 52 -3.76 -16.11 -16.51
C ASP F 52 -5.22 -16.05 -17.01
N ILE F 53 -5.38 -15.85 -18.32
CA ILE F 53 -6.70 -15.76 -18.96
C ILE F 53 -7.52 -17.05 -18.76
N THR F 54 -6.87 -18.19 -18.54
CA THR F 54 -7.60 -19.44 -18.27
C THR F 54 -8.38 -19.43 -16.97
N ASN F 55 -8.12 -18.44 -16.11
CA ASN F 55 -8.92 -18.28 -14.90
C ASN F 55 -10.28 -17.61 -15.13
N LEU F 56 -10.51 -17.08 -16.34
CA LEU F 56 -11.78 -16.47 -16.72
C LEU F 56 -12.78 -17.58 -16.99
N LYS F 57 -13.49 -17.99 -15.95
CA LYS F 57 -14.32 -19.20 -16.02
C LYS F 57 -15.56 -19.03 -15.17
N GLY F 58 -16.72 -19.32 -15.73
CA GLY F 58 -17.96 -19.26 -15.00
C GLY F 58 -18.28 -17.85 -14.57
N ASP F 59 -18.63 -17.68 -13.29
CA ASP F 59 -18.87 -16.37 -12.70
C ASP F 59 -17.61 -15.61 -12.28
N VAL F 60 -16.43 -16.22 -12.44
CA VAL F 60 -15.17 -15.65 -11.90
C VAL F 60 -14.38 -14.99 -13.01
N TYR F 61 -13.94 -13.76 -12.74
CA TYR F 61 -12.95 -13.11 -13.61
C TYR F 61 -11.70 -12.62 -12.85
N GLY F 62 -11.73 -12.64 -11.51
CA GLY F 62 -10.61 -12.18 -10.72
C GLY F 62 -10.61 -12.80 -9.34
N LYS F 63 -9.55 -12.54 -8.59
CA LYS F 63 -9.38 -13.08 -7.27
C LYS F 63 -8.34 -12.27 -6.48
N ILE F 64 -8.58 -12.09 -5.18
CA ILE F 64 -7.57 -11.50 -4.29
C ILE F 64 -6.59 -12.59 -3.93
N ILE F 65 -5.33 -12.36 -4.28
CA ILE F 65 -4.26 -13.32 -4.09
C ILE F 65 -3.01 -12.73 -3.49
N PRO F 66 -2.90 -12.79 -2.16
CA PRO F 66 -1.67 -12.27 -1.52
C PRO F 66 -0.43 -13.13 -1.79
N GLY G 10 -15.81 13.89 0.35
CA GLY G 10 -14.86 13.40 -0.66
C GLY G 10 -14.88 11.89 -0.85
N ASN G 11 -15.40 11.14 0.12
CA ASN G 11 -15.40 9.69 0.04
C ASN G 11 -16.64 9.11 -0.65
N THR G 12 -17.62 9.96 -1.00
CA THR G 12 -18.89 9.51 -1.52
C THR G 12 -19.03 9.93 -2.98
N VAL G 13 -19.61 9.04 -3.76
CA VAL G 13 -19.91 9.34 -5.14
C VAL G 13 -21.40 9.26 -5.36
N TYR G 14 -21.83 9.97 -6.41
CA TYR G 14 -23.23 9.98 -6.85
C TYR G 14 -23.28 8.99 -8.02
N VAL G 15 -24.28 8.12 -8.02
CA VAL G 15 -24.55 7.18 -9.08
C VAL G 15 -25.91 7.53 -9.67
N GLY G 16 -25.98 7.70 -10.99
CA GLY G 16 -27.20 8.07 -11.68
C GLY G 16 -27.57 7.17 -12.85
N ASN G 17 -28.81 7.37 -13.32
CA ASN G 17 -29.44 6.63 -14.38
C ASN G 17 -29.70 5.17 -14.00
N ILE G 18 -30.13 4.98 -12.77
CA ILE G 18 -30.35 3.66 -12.21
C ILE G 18 -31.82 3.28 -12.39
N ASP G 19 -32.06 2.22 -13.16
CA ASP G 19 -33.38 1.65 -13.30
C ASP G 19 -33.95 1.32 -11.92
N PRO G 20 -35.20 1.71 -11.65
CA PRO G 20 -35.77 1.44 -10.32
C PRO G 20 -35.88 -0.03 -9.93
N ARG G 21 -35.70 -0.95 -10.87
CA ARG G 21 -35.66 -2.37 -10.53
C ARG G 21 -34.38 -2.81 -9.80
N ILE G 22 -33.35 -1.99 -9.90
CA ILE G 22 -32.08 -2.30 -9.28
C ILE G 22 -32.20 -2.29 -7.76
N THR G 23 -31.61 -3.29 -7.11
CA THR G 23 -31.61 -3.38 -5.65
C THR G 23 -30.32 -2.83 -5.03
N LYS G 24 -30.38 -2.47 -3.76
CA LYS G 24 -29.20 -2.01 -3.06
C LYS G 24 -28.11 -3.06 -3.06
N GLU G 25 -28.51 -4.34 -2.91
CA GLU G 25 -27.55 -5.46 -2.88
C GLU G 25 -26.85 -5.57 -4.26
N GLN G 26 -27.58 -5.27 -5.35
CA GLN G 26 -26.94 -5.27 -6.70
C GLN G 26 -25.96 -4.14 -6.89
N LEU G 27 -26.30 -2.93 -6.43
CA LEU G 27 -25.37 -1.83 -6.42
C LEU G 27 -24.10 -2.17 -5.62
N TYR G 28 -24.29 -2.85 -4.48
CA TYR G 28 -23.14 -3.23 -3.66
C TYR G 28 -22.25 -4.24 -4.40
N GLU G 29 -22.84 -5.28 -4.96
CA GLU G 29 -22.08 -6.26 -5.71
C GLU G 29 -21.29 -5.62 -6.87
N LEU G 30 -21.92 -4.68 -7.55
CA LEU G 30 -21.28 -3.99 -8.66
C LEU G 30 -20.09 -3.19 -8.19
N PHE G 31 -20.29 -2.37 -7.17
CA PHE G 31 -19.26 -1.38 -6.84
C PHE G 31 -18.13 -1.97 -6.02
N ILE G 32 -18.39 -3.07 -5.30
CA ILE G 32 -17.25 -3.76 -4.61
C ILE G 32 -16.30 -4.43 -5.59
N GLN G 33 -16.68 -4.57 -6.85
CA GLN G 33 -15.71 -4.96 -7.88
C GLN G 33 -14.61 -3.92 -8.09
N ILE G 34 -14.89 -2.66 -7.73
CA ILE G 34 -14.07 -1.49 -8.07
C ILE G 34 -13.28 -0.98 -6.87
N ASN G 35 -13.84 -1.07 -5.67
CA ASN G 35 -13.11 -0.78 -4.43
C ASN G 35 -14.01 -1.18 -3.27
N PRO G 36 -13.44 -1.33 -2.08
CA PRO G 36 -14.28 -1.64 -0.93
C PRO G 36 -15.32 -0.51 -0.69
N VAL G 37 -16.54 -0.92 -0.37
CA VAL G 37 -17.67 0.03 -0.15
C VAL G 37 -18.06 -0.03 1.31
N LEU G 38 -18.14 1.14 1.92
CA LEU G 38 -18.57 1.26 3.32
C LEU G 38 -20.05 1.20 3.48
N ARG G 39 -20.77 2.01 2.70
CA ARG G 39 -22.24 2.02 2.78
C ARG G 39 -22.81 2.62 1.51
N ILE G 40 -24.09 2.34 1.32
CA ILE G 40 -24.86 2.84 0.20
C ILE G 40 -26.12 3.49 0.70
N LYS G 41 -26.40 4.73 0.25
CA LYS G 41 -27.69 5.38 0.55
C LYS G 41 -28.47 5.36 -0.77
N TYR G 42 -29.64 4.75 -0.78
CA TYR G 42 -30.38 4.53 -2.04
C TYR G 42 -31.82 5.05 -1.84
N PRO G 43 -32.05 6.35 -2.09
CA PRO G 43 -33.31 7.02 -1.68
C PRO G 43 -34.53 6.34 -2.27
N LYS G 44 -35.59 6.23 -1.46
CA LYS G 44 -36.83 5.57 -1.88
C LYS G 44 -38.00 6.44 -1.51
N ASP G 45 -38.97 6.50 -2.41
CA ASP G 45 -40.31 7.03 -2.13
C ASP G 45 -40.97 5.97 -1.25
N LYS G 46 -41.20 6.29 0.03
CA LYS G 46 -41.71 5.30 0.97
C LYS G 46 -43.19 5.02 0.79
N VAL G 47 -43.91 5.96 0.18
CA VAL G 47 -45.33 5.76 -0.07
C VAL G 47 -45.51 4.75 -1.19
N LEU G 48 -44.74 4.88 -2.27
CA LEU G 48 -44.81 3.93 -3.39
C LEU G 48 -43.79 2.78 -3.33
N GLN G 49 -42.87 2.82 -2.37
CA GLN G 49 -41.76 1.84 -2.26
C GLN G 49 -41.04 1.72 -3.58
N ALA G 50 -40.64 2.88 -4.11
CA ALA G 50 -39.97 2.94 -5.42
C ALA G 50 -38.67 3.67 -5.28
N TYR G 51 -37.61 3.07 -5.78
CA TYR G 51 -36.34 3.81 -5.93
C TYR G 51 -36.46 4.93 -6.97
N GLN G 52 -35.54 5.87 -6.92
CA GLN G 52 -35.67 7.18 -7.58
C GLN G 52 -34.60 7.49 -8.63
N GLY G 53 -33.86 6.47 -9.02
CA GLY G 53 -32.87 6.56 -10.11
C GLY G 53 -31.46 6.96 -9.75
N TYR G 54 -31.15 7.06 -8.47
CA TYR G 54 -29.86 7.50 -8.05
C TYR G 54 -29.47 6.97 -6.68
N ALA G 55 -28.18 7.01 -6.39
CA ALA G 55 -27.67 6.50 -5.12
C ALA G 55 -26.39 7.19 -4.78
N PHE G 56 -26.02 7.10 -3.51
CA PHE G 56 -24.76 7.60 -2.99
C PHE G 56 -23.98 6.40 -2.48
N ILE G 57 -22.79 6.23 -3.02
CA ILE G 57 -21.92 5.12 -2.62
C ILE G 57 -20.74 5.73 -1.88
N GLU G 58 -20.62 5.35 -0.59
CA GLU G 58 -19.55 5.82 0.26
C GLU G 58 -18.43 4.79 0.28
N PHE G 59 -17.27 5.21 -0.25
CA PHE G 59 -16.02 4.45 -0.15
C PHE G 59 -15.30 4.84 1.15
N TYR G 60 -14.16 4.20 1.41
CA TYR G 60 -13.47 4.36 2.68
C TYR G 60 -12.55 5.61 2.71
N ASN G 61 -12.22 6.11 1.55
CA ASN G 61 -11.37 7.30 1.47
C ASN G 61 -11.54 7.97 0.10
N GLN G 62 -10.93 9.13 -0.05
CA GLN G 62 -11.15 9.95 -1.21
C GLN G 62 -10.47 9.34 -2.46
N GLY G 63 -9.28 8.81 -2.27
CA GLY G 63 -8.60 8.12 -3.37
C GLY G 63 -9.44 7.01 -4.00
N ASP G 64 -10.12 6.23 -3.14
CA ASP G 64 -10.84 5.10 -3.63
C ASP G 64 -12.13 5.57 -4.35
N ALA G 65 -12.73 6.64 -3.87
CA ALA G 65 -13.88 7.23 -4.53
C ALA G 65 -13.51 7.80 -5.90
N GLN G 66 -12.43 8.58 -5.92
CA GLN G 66 -11.94 9.15 -7.20
C GLN G 66 -11.63 8.06 -8.23
N TYR G 67 -11.00 6.98 -7.80
CA TYR G 67 -10.72 5.85 -8.68
C TYR G 67 -12.03 5.28 -9.24
N ALA G 68 -13.02 5.06 -8.37
CA ALA G 68 -14.31 4.56 -8.83
C ALA G 68 -14.96 5.44 -9.89
N ILE G 69 -14.89 6.76 -9.70
CA ILE G 69 -15.51 7.71 -10.67
C ILE G 69 -14.78 7.54 -12.01
N LYS G 70 -13.46 7.50 -11.99
CA LYS G 70 -12.71 7.40 -13.22
C LYS G 70 -12.97 6.08 -13.97
N ILE G 71 -13.11 5.00 -13.23
CA ILE G 71 -13.31 3.70 -13.83
C ILE G 71 -14.73 3.48 -14.27
N MET G 72 -15.70 4.01 -13.53
CA MET G 72 -17.11 3.56 -13.70
C MET G 72 -18.02 4.53 -14.41
N ASN G 73 -17.68 5.81 -14.47
CA ASN G 73 -18.59 6.74 -15.17
C ASN G 73 -18.73 6.36 -16.63
N ASN G 74 -19.97 6.19 -17.13
CA ASN G 74 -20.20 5.82 -18.53
C ASN G 74 -19.64 4.46 -18.96
N THR G 75 -19.42 3.56 -18.01
CA THR G 75 -18.73 2.31 -18.30
C THR G 75 -19.68 1.10 -18.36
N VAL G 76 -20.70 1.04 -17.50
CA VAL G 76 -21.57 -0.15 -17.38
C VAL G 76 -23.03 0.24 -17.69
N ARG G 77 -23.75 -0.66 -18.37
CA ARG G 77 -25.19 -0.50 -18.54
C ARG G 77 -25.90 -1.50 -17.66
N LEU G 78 -26.87 -1.02 -16.88
CA LEU G 78 -27.76 -1.88 -16.10
C LEU G 78 -29.15 -1.73 -16.68
N TYR G 79 -29.77 -2.86 -17.05
CA TYR G 79 -31.03 -2.82 -17.80
C TYR G 79 -30.93 -1.87 -19.00
N ASP G 80 -29.80 -1.95 -19.72
CA ASP G 80 -29.54 -1.14 -20.93
C ASP G 80 -29.35 0.37 -20.69
N ARG G 81 -29.33 0.83 -19.46
CA ARG G 81 -29.14 2.25 -19.14
C ARG G 81 -27.73 2.45 -18.63
N LEU G 82 -27.02 3.40 -19.26
CA LEU G 82 -25.62 3.66 -18.96
C LEU G 82 -25.51 4.41 -17.65
N ILE G 83 -24.79 3.81 -16.71
CA ILE G 83 -24.63 4.34 -15.36
C ILE G 83 -23.65 5.50 -15.31
N LYS G 84 -24.07 6.58 -14.66
CA LYS G 84 -23.24 7.75 -14.45
C LYS G 84 -22.69 7.75 -13.03
N VAL G 85 -21.41 8.12 -12.88
CA VAL G 85 -20.75 8.17 -11.57
C VAL G 85 -20.00 9.47 -11.47
N ARG G 86 -20.33 10.30 -10.46
CA ARG G 86 -19.79 11.68 -10.38
C ARG G 86 -19.47 12.02 -8.91
N GLN G 87 -18.57 12.98 -8.74
CA GLN G 87 -18.30 13.59 -7.46
C GLN G 87 -19.54 14.27 -6.87
N VAL G 88 -19.68 14.27 -5.54
CA VAL G 88 -20.82 14.93 -4.89
C VAL G 88 -20.61 16.45 -4.83
N SER H 5 30.17 4.95 34.09
CA SER H 5 29.00 4.50 33.25
C SER H 5 27.81 4.08 34.12
N ARG H 6 26.62 4.45 33.70
CA ARG H 6 25.40 4.06 34.43
C ARG H 6 24.18 4.02 33.51
N PRO H 7 23.18 3.21 33.86
CA PRO H 7 21.97 3.16 33.04
C PRO H 7 21.24 4.49 33.08
N GLY H 8 20.77 4.97 31.93
CA GLY H 8 20.04 6.22 31.86
C GLY H 8 20.84 7.42 31.40
N ARG H 9 22.16 7.26 31.29
CA ARG H 9 23.07 8.29 30.83
C ARG H 9 23.95 7.63 29.75
N ILE H 10 24.28 8.38 28.71
CA ILE H 10 25.19 7.93 27.67
C ILE H 10 26.20 9.05 27.41
N SER H 11 27.49 8.68 27.49
CA SER H 11 28.62 9.62 27.30
C SER H 11 28.58 10.22 25.91
N GLN H 12 29.17 11.42 25.79
CA GLN H 12 29.36 12.06 24.49
C GLN H 12 30.03 11.15 23.47
N GLU H 13 31.07 10.44 23.90
CA GLU H 13 31.83 9.61 22.99
C GLU H 13 30.95 8.51 22.39
N LEU H 14 30.17 7.84 23.23
CA LEU H 14 29.30 6.78 22.75
C LEU H 14 28.15 7.35 21.94
N ARG H 15 27.66 8.51 22.33
CA ARG H 15 26.62 9.18 21.55
C ARG H 15 27.02 9.44 20.13
N ALA H 16 28.28 9.85 19.91
CA ALA H 16 28.76 10.12 18.55
C ALA H 16 28.81 8.84 17.76
N ILE H 17 29.25 7.77 18.41
CA ILE H 17 29.40 6.48 17.76
C ILE H 17 28.02 5.89 17.40
N MET H 18 27.04 6.09 18.29
CA MET H 18 25.66 5.63 18.09
C MET H 18 24.81 6.53 17.21
N ASN H 19 25.28 7.75 16.96
CA ASN H 19 24.47 8.81 16.37
C ASN H 19 23.20 9.08 17.19
N LEU H 20 23.41 9.35 18.47
CA LEU H 20 22.32 9.73 19.38
C LEU H 20 22.54 11.08 20.01
N PRO H 21 21.99 12.12 19.39
CA PRO H 21 22.09 13.45 20.01
C PRO H 21 21.47 13.58 21.39
N GLU H 22 22.00 14.51 22.17
CA GLU H 22 21.43 14.86 23.45
C GLU H 22 19.99 15.27 23.17
N GLY H 23 19.09 14.90 24.04
CA GLY H 23 17.68 15.21 23.87
C GLY H 23 16.82 14.25 23.07
N GLN H 24 17.38 13.14 22.65
CA GLN H 24 16.64 12.15 21.85
C GLN H 24 16.63 10.83 22.59
N LEU H 25 15.49 10.15 22.57
CA LEU H 25 15.44 8.85 23.21
C LEU H 25 16.27 7.82 22.42
N PRO H 26 16.88 6.90 23.13
CA PRO H 26 17.70 5.92 22.44
C PRO H 26 16.83 4.98 21.59
N PRO H 27 17.46 4.31 20.61
CA PRO H 27 16.71 3.59 19.60
C PRO H 27 15.97 2.34 20.11
N TRP H 28 16.30 1.87 21.28
CA TRP H 28 15.61 0.73 21.90
C TRP H 28 14.31 1.12 22.62
N CYS H 29 14.00 2.41 22.63
CA CYS H 29 12.76 2.93 23.25
C CYS H 29 11.52 2.17 22.81
N MET H 30 11.32 2.04 21.50
CA MET H 30 10.11 1.36 20.99
C MET H 30 10.00 -0.07 21.47
N LYS H 31 11.11 -0.78 21.44
CA LYS H 31 11.11 -2.16 21.88
C LYS H 31 10.83 -2.26 23.41
N MET H 32 11.33 -1.31 24.21
CA MET H 32 11.02 -1.33 25.66
C MET H 32 9.56 -1.05 25.91
N LYS H 33 8.93 -0.19 25.10
CA LYS H 33 7.48 -0.02 25.24
C LYS H 33 6.73 -1.32 24.95
N ASP H 34 7.25 -2.13 24.03
CA ASP H 34 6.62 -3.41 23.67
C ASP H 34 6.88 -4.54 24.64
N ILE H 35 8.10 -4.64 25.13
CA ILE H 35 8.55 -5.81 25.86
C ILE H 35 8.58 -5.55 27.36
N GLY H 36 8.70 -4.28 27.76
CA GLY H 36 8.84 -3.92 29.14
C GLY H 36 10.22 -3.34 29.46
N LEU H 37 10.31 -2.81 30.67
CA LEU H 37 11.53 -2.27 31.18
C LEU H 37 12.53 -3.38 31.48
N PRO H 38 13.82 -3.04 31.62
CA PRO H 38 14.80 -4.07 31.92
C PRO H 38 14.45 -4.99 33.08
N THR H 39 14.53 -6.27 32.82
CA THR H 39 14.34 -7.31 33.81
C THR H 39 15.27 -7.16 35.04
N GLY H 40 16.45 -6.58 34.82
CA GLY H 40 17.40 -6.34 35.87
C GLY H 40 17.44 -4.96 36.47
N TYR H 41 16.53 -4.05 36.03
CA TYR H 41 16.44 -2.72 36.62
C TYR H 41 14.99 -2.39 36.87
N PRO H 42 14.41 -3.01 37.92
CA PRO H 42 12.97 -2.80 38.15
C PRO H 42 12.59 -1.31 38.39
N ASP H 43 13.52 -0.52 38.90
CA ASP H 43 13.28 0.87 39.23
C ASP H 43 13.81 1.87 38.19
N LEU H 44 14.18 1.40 36.99
CA LEU H 44 14.54 2.32 35.91
C LEU H 44 13.34 3.15 35.45
N LYS H 45 13.51 4.45 35.42
CA LYS H 45 12.58 5.42 34.87
C LYS H 45 13.17 5.99 33.59
N ILE H 46 12.37 6.02 32.50
CA ILE H 46 12.80 6.57 31.20
C ILE H 46 11.90 7.73 30.83
N ALA H 47 12.51 8.87 30.49
CA ALA H 47 11.77 10.08 30.10
C ALA H 47 10.81 9.77 28.93
N GLY H 48 9.54 10.13 29.13
CA GLY H 48 8.52 9.86 28.11
C GLY H 48 7.85 8.48 28.18
N LEU H 49 8.33 7.61 29.06
CA LEU H 49 7.67 6.34 29.33
C LEU H 49 7.06 6.49 30.70
N ASN H 50 7.86 6.29 31.74
CA ASN H 50 7.40 6.34 33.13
C ASN H 50 8.10 7.41 33.96
N TRP H 51 8.66 8.40 33.26
CA TRP H 51 9.35 9.56 33.87
C TRP H 51 8.99 10.78 33.03
N ASP H 52 8.85 11.93 33.67
CA ASP H 52 8.43 13.14 32.94
C ASP H 52 9.43 13.42 31.78
N ILE H 53 8.87 13.78 30.63
CA ILE H 53 9.66 14.07 29.43
C ILE H 53 10.64 15.24 29.64
N THR H 54 10.37 16.15 30.59
CA THR H 54 11.30 17.24 30.89
C THR H 54 12.62 16.77 31.48
N ASN H 55 12.69 15.50 31.89
CA ASN H 55 13.96 14.93 32.36
C ASN H 55 14.89 14.52 31.22
N LEU H 56 14.41 14.55 29.97
CA LEU H 56 15.22 14.21 28.80
C LEU H 56 16.11 15.40 28.49
N LYS H 57 17.30 15.44 29.09
CA LYS H 57 18.13 16.64 29.05
C LYS H 57 19.58 16.26 29.05
N GLY H 58 20.37 16.87 28.16
CA GLY H 58 21.79 16.64 28.12
C GLY H 58 22.09 15.19 27.78
N ASP H 59 22.99 14.60 28.56
CA ASP H 59 23.32 13.18 28.36
C ASP H 59 22.37 12.20 29.06
N VAL H 60 21.34 12.69 29.72
CA VAL H 60 20.43 11.86 30.52
C VAL H 60 19.14 11.59 29.77
N TYR H 61 18.74 10.33 29.74
CA TYR H 61 17.38 9.98 29.30
C TYR H 61 16.60 9.14 30.35
N GLY H 62 17.28 8.64 31.39
CA GLY H 62 16.64 7.81 32.36
C GLY H 62 17.41 7.84 33.68
N LYS H 63 16.84 7.21 34.70
CA LYS H 63 17.43 7.16 36.00
C LYS H 63 16.83 6.04 36.84
N ILE H 64 17.68 5.40 37.67
CA ILE H 64 17.17 4.43 38.67
C ILE H 64 16.64 5.21 39.85
N ILE H 65 15.35 5.06 40.13
CA ILE H 65 14.67 5.83 41.19
C ILE H 65 13.83 4.86 42.00
N PRO H 66 14.36 4.38 43.14
CA PRO H 66 13.60 3.51 44.04
C PRO H 66 12.40 4.12 44.74
#